data_6WYM
#
_entry.id   6WYM
#
_cell.length_a   130.618
_cell.length_b   130.618
_cell.length_c   48.814
_cell.angle_alpha   90.000
_cell.angle_beta   90.000
_cell.angle_gamma   120.000
#
_symmetry.space_group_name_H-M   'P 31 2 1'
#
loop_
_entity.id
_entity.type
_entity.pdbx_description
1 polymer 'Possible hydrolase'
2 non-polymer 'CHLORIDE ION'
3 water water
#
_entity_poly.entity_id   1
_entity_poly.type   'polypeptide(L)'
_entity_poly.pdbx_seq_one_letter_code
;MGSSHHHHHHSSGLVPRGSHMASMTGGQQMGRGSLSDDELTGLDEFALLAENAEQAGVNGPLPEVERVQAGAISALRWGG
SAPRVIFLHGGGQNAHTWDTVIVGLGEPALAVDLPGHGHSAWREDGNYSPQLNSETLAPVLRELAPGAEFVVGMSLGGLT
AIRLAAMAPDLVGELVLVDVTPSALQRHAELTAEQRGTVALMHGEREFPSFQAMLDLTIAAAPHRDVKSLRRGVFHNSRR
LDNGNWVWRYDAIRTFGDFAGLWDDVDALSAPITLVRGGSSGFVTDQDTAELHRRATHFRGVHIVEKSGHSVQSDQPRAL
IEIVRGVLDTR
;
_entity_poly.pdbx_strand_id   A
#
loop_
_chem_comp.id
_chem_comp.type
_chem_comp.name
_chem_comp.formula
CL non-polymer 'CHLORIDE ION' 'Cl -1'
#
# COMPACT_ATOMS: atom_id res chain seq x y z
N GLU A 39 13.94 -14.42 -20.81
CA GLU A 39 12.54 -13.93 -20.66
C GLU A 39 12.42 -12.53 -21.27
N LEU A 40 11.91 -12.45 -22.51
CA LEU A 40 11.39 -11.20 -23.11
C LEU A 40 9.93 -11.04 -22.62
N THR A 41 9.57 -9.82 -22.19
CA THR A 41 8.32 -9.52 -21.42
C THR A 41 7.64 -8.27 -21.99
N GLY A 42 6.71 -8.47 -22.90
CA GLY A 42 5.59 -7.54 -23.15
C GLY A 42 4.31 -8.11 -22.56
N LEU A 43 4.43 -8.84 -21.44
CA LEU A 43 3.28 -9.39 -20.65
C LEU A 43 2.42 -8.24 -20.13
N ASP A 44 1.12 -8.28 -20.41
CA ASP A 44 0.08 -7.35 -19.91
C ASP A 44 0.04 -7.43 -18.37
N GLU A 45 -0.28 -6.32 -17.70
CA GLU A 45 -0.19 -6.20 -16.23
C GLU A 45 -1.27 -7.06 -15.53
N PHE A 46 -2.25 -7.57 -16.27
CA PHE A 46 -3.33 -8.45 -15.73
C PHE A 46 -3.10 -9.93 -16.13
N ALA A 47 -1.95 -10.26 -16.69
CA ALA A 47 -1.66 -11.63 -17.18
C ALA A 47 -1.55 -12.65 -16.03
N LEU A 48 -1.19 -12.25 -14.81
CA LEU A 48 -0.87 -13.21 -13.73
C LEU A 48 -2.04 -13.35 -12.76
N LEU A 49 -3.23 -12.85 -13.07
CA LEU A 49 -4.31 -12.75 -12.04
C LEU A 49 -4.75 -14.14 -11.54
N ALA A 50 -4.63 -15.19 -12.36
CA ALA A 50 -4.97 -16.59 -11.98
C ALA A 50 -4.07 -17.02 -10.80
N GLU A 51 -2.82 -16.58 -10.75
CA GLU A 51 -1.92 -16.83 -9.59
C GLU A 51 -2.50 -16.16 -8.34
N ASN A 52 -2.99 -14.93 -8.48
CA ASN A 52 -3.60 -14.22 -7.35
C ASN A 52 -4.84 -14.98 -6.89
N ALA A 53 -5.72 -15.42 -7.79
CA ALA A 53 -6.93 -16.19 -7.41
C ALA A 53 -6.52 -17.46 -6.62
N GLU A 54 -5.47 -18.16 -7.03
CA GLU A 54 -5.00 -19.40 -6.35
C GLU A 54 -4.43 -19.05 -4.95
N GLN A 55 -3.59 -18.03 -4.81
CA GLN A 55 -3.07 -17.55 -3.49
C GLN A 55 -4.24 -17.17 -2.58
N ALA A 56 -5.31 -16.63 -3.14
CA ALA A 56 -6.50 -16.23 -2.35
C ALA A 56 -7.36 -17.45 -2.04
N GLY A 57 -7.15 -18.57 -2.75
CA GLY A 57 -7.92 -19.82 -2.57
C GLY A 57 -9.34 -19.66 -3.08
N VAL A 58 -9.57 -18.90 -4.15
CA VAL A 58 -10.90 -18.71 -4.77
C VAL A 58 -10.82 -19.25 -6.19
N ASN A 59 -11.93 -19.67 -6.74
CA ASN A 59 -11.96 -20.21 -8.13
C ASN A 59 -13.09 -19.50 -8.86
N GLY A 60 -13.13 -19.61 -10.17
CA GLY A 60 -14.19 -18.94 -10.94
C GLY A 60 -13.59 -17.85 -11.78
N PRO A 61 -14.43 -17.10 -12.51
CA PRO A 61 -13.92 -16.10 -13.45
C PRO A 61 -13.28 -14.98 -12.63
N LEU A 62 -12.21 -14.43 -13.18
CA LEU A 62 -11.49 -13.24 -12.64
C LEU A 62 -12.42 -12.05 -12.70
N PRO A 63 -12.36 -11.10 -11.73
CA PRO A 63 -13.14 -9.86 -11.81
C PRO A 63 -12.62 -8.98 -12.96
N GLU A 64 -13.45 -8.05 -13.41
CA GLU A 64 -13.00 -7.03 -14.40
C GLU A 64 -12.09 -6.06 -13.62
N VAL A 65 -11.01 -5.65 -14.26
CA VAL A 65 -10.10 -4.64 -13.69
C VAL A 65 -9.57 -3.81 -14.85
N GLU A 66 -9.34 -2.51 -14.63
CA GLU A 66 -8.62 -1.69 -15.61
C GLU A 66 -7.85 -0.59 -14.88
N ARG A 67 -6.79 -0.10 -15.51
CA ARG A 67 -6.06 1.09 -15.02
C ARG A 67 -6.90 2.36 -15.33
N VAL A 68 -6.95 3.27 -14.34
CA VAL A 68 -7.51 4.63 -14.48
C VAL A 68 -6.47 5.65 -14.04
N GLN A 69 -6.63 6.90 -14.50
CA GLN A 69 -5.69 8.01 -14.18
C GLN A 69 -6.50 9.29 -14.09
N ALA A 70 -6.24 10.12 -13.09
CA ALA A 70 -6.63 11.54 -13.07
C ALA A 70 -5.39 12.33 -12.70
N GLY A 71 -4.71 12.85 -13.71
CA GLY A 71 -3.53 13.71 -13.57
C GLY A 71 -2.39 12.91 -13.02
N ALA A 72 -1.92 13.29 -11.84
CA ALA A 72 -0.72 12.75 -11.16
C ALA A 72 -0.96 11.35 -10.57
N ILE A 73 -2.22 10.91 -10.43
CA ILE A 73 -2.61 9.64 -9.74
C ILE A 73 -3.12 8.60 -10.76
N SER A 74 -2.50 7.42 -10.76
CA SER A 74 -2.95 6.18 -11.43
C SER A 74 -3.50 5.22 -10.37
N ALA A 75 -4.42 4.34 -10.76
CA ALA A 75 -5.11 3.37 -9.88
C ALA A 75 -5.59 2.20 -10.71
N LEU A 76 -5.83 1.06 -10.03
CA LEU A 76 -6.56 -0.11 -10.60
C LEU A 76 -7.99 -0.05 -10.09
N ARG A 77 -8.94 -0.07 -11.01
CA ARG A 77 -10.37 -0.02 -10.67
C ARG A 77 -10.91 -1.42 -10.93
N TRP A 78 -11.38 -2.06 -9.86
CA TRP A 78 -11.82 -3.49 -9.87
C TRP A 78 -13.34 -3.55 -9.78
N GLY A 79 -13.94 -4.43 -10.61
CA GLY A 79 -15.38 -4.76 -10.57
C GLY A 79 -16.26 -3.64 -11.08
N GLY A 80 -15.79 -2.81 -12.01
CA GLY A 80 -16.58 -1.69 -12.57
C GLY A 80 -16.33 -0.33 -11.90
N SER A 81 -17.28 0.60 -12.04
CA SER A 81 -17.07 2.04 -11.81
C SER A 81 -17.57 2.55 -10.44
N ALA A 82 -18.09 1.70 -9.51
CA ALA A 82 -18.61 2.10 -8.16
C ALA A 82 -17.87 1.38 -7.02
N PRO A 83 -16.60 1.72 -6.77
CA PRO A 83 -15.81 1.04 -5.74
C PRO A 83 -16.41 1.13 -4.32
N ARG A 84 -16.50 0.02 -3.57
CA ARG A 84 -16.91 0.04 -2.13
C ARG A 84 -15.70 0.34 -1.22
N VAL A 85 -14.50 -0.10 -1.61
CA VAL A 85 -13.28 0.00 -0.78
C VAL A 85 -12.17 0.69 -1.57
N ILE A 86 -11.45 1.56 -0.90
CA ILE A 86 -10.16 2.13 -1.39
C ILE A 86 -9.01 1.46 -0.65
N PHE A 87 -7.97 1.06 -1.37
CA PHE A 87 -6.73 0.44 -0.83
C PHE A 87 -5.55 1.34 -1.18
N LEU A 88 -4.71 1.63 -0.18
CA LEU A 88 -3.47 2.43 -0.28
C LEU A 88 -2.29 1.57 0.17
N HIS A 89 -1.42 1.20 -0.76
CA HIS A 89 -0.18 0.40 -0.51
C HIS A 89 0.85 1.14 0.37
N GLY A 90 1.95 0.44 0.66
CA GLY A 90 3.08 0.98 1.45
C GLY A 90 4.17 1.66 0.62
N GLY A 91 5.16 2.22 1.31
CA GLY A 91 6.42 2.69 0.70
C GLY A 91 7.08 1.56 -0.07
N GLY A 92 7.56 1.88 -1.27
CA GLY A 92 8.24 0.93 -2.18
C GLY A 92 7.31 -0.10 -2.78
N GLN A 93 5.99 0.11 -2.70
CA GLN A 93 4.99 -0.83 -3.26
C GLN A 93 4.22 -0.14 -4.40
N ASN A 94 3.25 -0.84 -4.98
CA ASN A 94 2.26 -0.23 -5.91
C ASN A 94 0.91 -0.88 -5.68
N ALA A 95 -0.10 -0.44 -6.42
CA ALA A 95 -1.48 -0.93 -6.34
C ALA A 95 -1.58 -2.47 -6.41
N HIS A 96 -0.70 -3.12 -7.17
CA HIS A 96 -0.78 -4.59 -7.44
C HIS A 96 -0.55 -5.37 -6.15
N THR A 97 0.01 -4.74 -5.10
CA THR A 97 0.22 -5.40 -3.80
C THR A 97 -1.12 -5.97 -3.34
N TRP A 98 -2.21 -5.33 -3.74
CA TRP A 98 -3.57 -5.69 -3.24
C TRP A 98 -4.26 -6.76 -4.11
N ASP A 99 -3.66 -7.21 -5.21
CA ASP A 99 -4.38 -8.04 -6.21
C ASP A 99 -5.03 -9.23 -5.49
N THR A 100 -4.26 -9.98 -4.71
CA THR A 100 -4.76 -11.23 -4.08
C THR A 100 -5.91 -10.88 -3.13
N VAL A 101 -5.71 -9.86 -2.29
CA VAL A 101 -6.76 -9.46 -1.31
C VAL A 101 -8.02 -9.07 -2.10
N ILE A 102 -7.87 -8.29 -3.15
CA ILE A 102 -9.05 -7.76 -3.89
C ILE A 102 -9.74 -8.92 -4.62
N VAL A 103 -8.99 -9.83 -5.21
CA VAL A 103 -9.53 -11.01 -5.92
C VAL A 103 -10.29 -11.86 -4.88
N GLY A 104 -9.70 -12.11 -3.70
CA GLY A 104 -10.37 -12.95 -2.67
C GLY A 104 -11.59 -12.29 -2.09
N LEU A 105 -11.55 -11.00 -1.88
CA LEU A 105 -12.69 -10.31 -1.26
C LEU A 105 -13.91 -10.23 -2.20
N GLY A 106 -13.71 -10.21 -3.53
CA GLY A 106 -14.80 -10.14 -4.52
C GLY A 106 -15.66 -8.87 -4.42
N GLU A 107 -15.16 -7.77 -3.85
CA GLU A 107 -15.88 -6.47 -3.76
C GLU A 107 -15.36 -5.50 -4.83
N PRO A 108 -16.18 -4.63 -5.44
CA PRO A 108 -15.65 -3.53 -6.26
C PRO A 108 -14.71 -2.64 -5.43
N ALA A 109 -13.54 -2.29 -5.98
CA ALA A 109 -12.45 -1.67 -5.20
C ALA A 109 -11.61 -0.76 -6.09
N LEU A 110 -10.96 0.23 -5.48
CA LEU A 110 -10.00 1.13 -6.14
C LEU A 110 -8.68 0.99 -5.42
N ALA A 111 -7.67 0.51 -6.10
CA ALA A 111 -6.33 0.37 -5.53
C ALA A 111 -5.43 1.44 -6.19
N VAL A 112 -5.01 2.42 -5.39
CA VAL A 112 -4.36 3.64 -5.89
C VAL A 112 -2.86 3.48 -5.83
N ASP A 113 -2.16 3.95 -6.87
CA ASP A 113 -0.70 4.18 -6.84
C ASP A 113 -0.49 5.52 -6.15
N LEU A 114 0.13 5.49 -4.96
CA LEU A 114 0.63 6.69 -4.25
C LEU A 114 1.56 7.44 -5.19
N PRO A 115 1.60 8.79 -5.08
CA PRO A 115 2.67 9.57 -5.71
C PRO A 115 4.02 8.91 -5.48
N GLY A 116 4.85 8.91 -6.52
CA GLY A 116 6.19 8.32 -6.47
C GLY A 116 6.19 6.82 -6.71
N HIS A 117 5.02 6.21 -6.99
CA HIS A 117 4.82 4.73 -7.00
C HIS A 117 3.95 4.27 -8.19
N GLY A 118 4.13 3.04 -8.63
CA GLY A 118 3.40 2.41 -9.74
C GLY A 118 3.48 3.26 -10.99
N HIS A 119 2.33 3.71 -11.52
CA HIS A 119 2.24 4.60 -12.70
C HIS A 119 1.94 6.03 -12.26
N SER A 120 1.82 6.31 -10.96
CA SER A 120 1.56 7.69 -10.47
C SER A 120 2.86 8.51 -10.68
N ALA A 121 2.74 9.79 -11.03
CA ALA A 121 3.89 10.68 -11.34
C ALA A 121 4.83 10.75 -10.12
N TRP A 122 6.11 10.80 -10.37
CA TRP A 122 7.14 11.20 -9.37
C TRP A 122 7.02 12.67 -9.02
N ARG A 123 7.78 13.05 -7.99
CA ARG A 123 7.88 14.47 -7.57
C ARG A 123 9.38 14.77 -7.49
N GLU A 124 9.80 15.90 -8.03
CA GLU A 124 11.23 16.33 -8.00
C GLU A 124 11.61 16.48 -6.53
N ASP A 125 10.71 16.98 -5.68
CA ASP A 125 11.06 17.23 -4.25
C ASP A 125 11.13 15.91 -3.46
N GLY A 126 10.80 14.77 -4.07
CA GLY A 126 10.79 13.48 -3.36
C GLY A 126 9.94 13.58 -2.10
N ASN A 127 8.78 14.21 -2.20
CA ASN A 127 7.90 14.44 -1.02
C ASN A 127 6.68 13.51 -1.13
N TYR A 128 6.79 12.29 -0.60
CA TYR A 128 5.67 11.33 -0.56
C TYR A 128 5.09 11.22 0.86
N SER A 129 5.01 12.36 1.56
CA SER A 129 4.51 12.48 2.94
C SER A 129 3.03 12.13 2.91
N PRO A 130 2.49 11.53 3.99
CA PRO A 130 1.05 11.32 4.06
C PRO A 130 0.25 12.59 3.74
N GLN A 131 0.69 13.73 4.29
CA GLN A 131 -0.01 15.03 4.14
C GLN A 131 -0.12 15.41 2.64
N LEU A 132 0.99 15.33 1.91
CA LEU A 132 1.03 15.66 0.46
C LEU A 132 0.24 14.61 -0.38
N ASN A 133 0.53 13.31 -0.22
CA ASN A 133 -0.22 12.17 -0.83
C ASN A 133 -1.71 12.42 -0.72
N SER A 134 -2.15 12.77 0.49
CA SER A 134 -3.57 13.01 0.80
C SER A 134 -4.08 14.22 -0.01
N GLU A 135 -3.27 15.25 -0.16
CA GLU A 135 -3.70 16.49 -0.86
C GLU A 135 -3.86 16.19 -2.37
N THR A 136 -2.89 15.53 -2.99
CA THR A 136 -3.00 14.99 -4.36
C THR A 136 -4.23 14.06 -4.48
N LEU A 137 -4.46 13.15 -3.53
CA LEU A 137 -5.41 12.00 -3.72
C LEU A 137 -6.85 12.44 -3.55
N ALA A 138 -7.15 13.38 -2.66
CA ALA A 138 -8.56 13.63 -2.28
C ALA A 138 -9.43 14.00 -3.48
N PRO A 139 -9.08 14.97 -4.37
CA PRO A 139 -9.98 15.30 -5.50
C PRO A 139 -10.14 14.09 -6.45
N VAL A 140 -9.11 13.27 -6.60
CA VAL A 140 -9.17 12.05 -7.46
C VAL A 140 -10.15 11.04 -6.84
N LEU A 141 -10.07 10.80 -5.52
CA LEU A 141 -10.97 9.86 -4.82
C LEU A 141 -12.39 10.39 -4.88
N ARG A 142 -12.59 11.70 -4.79
CA ARG A 142 -13.93 12.33 -4.95
C ARG A 142 -14.51 12.04 -6.34
N GLU A 143 -13.67 11.98 -7.39
CA GLU A 143 -14.13 11.66 -8.77
C GLU A 143 -14.30 10.13 -8.89
N LEU A 144 -13.31 9.33 -8.50
CA LEU A 144 -13.23 7.90 -8.91
C LEU A 144 -13.84 6.94 -7.85
N ALA A 145 -14.01 7.37 -6.59
CA ALA A 145 -14.53 6.51 -5.51
C ALA A 145 -15.34 7.32 -4.50
N PRO A 146 -16.30 8.17 -4.91
CA PRO A 146 -17.08 8.96 -3.96
C PRO A 146 -17.92 8.10 -3.00
N GLY A 147 -18.38 6.92 -3.42
CA GLY A 147 -19.23 6.09 -2.54
C GLY A 147 -18.48 5.01 -1.76
N ALA A 148 -17.15 5.02 -1.74
CA ALA A 148 -16.38 4.01 -0.98
C ALA A 148 -16.28 4.52 0.46
N GLU A 149 -17.00 3.89 1.38
CA GLU A 149 -16.93 4.27 2.83
C GLU A 149 -15.57 3.83 3.40
N PHE A 150 -15.10 2.60 3.09
CA PHE A 150 -13.97 1.90 3.75
C PHE A 150 -12.63 2.20 3.05
N VAL A 151 -11.62 2.55 3.84
CA VAL A 151 -10.24 2.76 3.31
C VAL A 151 -9.29 1.84 4.07
N VAL A 152 -8.56 1.01 3.32
CA VAL A 152 -7.53 0.11 3.85
C VAL A 152 -6.18 0.67 3.38
N GLY A 153 -5.30 0.98 4.32
CA GLY A 153 -3.96 1.47 4.02
C GLY A 153 -2.90 0.73 4.82
N MET A 154 -1.83 0.34 4.14
CA MET A 154 -0.64 -0.29 4.73
C MET A 154 0.50 0.73 4.81
N SER A 155 1.19 0.76 5.95
CA SER A 155 2.32 1.70 6.22
C SER A 155 2.06 3.14 5.75
N LEU A 156 2.87 3.65 4.84
CA LEU A 156 2.67 5.02 4.31
C LEU A 156 1.22 5.24 3.86
N GLY A 157 0.62 4.22 3.21
CA GLY A 157 -0.79 4.24 2.80
C GLY A 157 -1.74 4.36 3.98
N GLY A 158 -1.43 3.71 5.12
CA GLY A 158 -2.25 3.81 6.35
C GLY A 158 -2.32 5.25 6.87
N LEU A 159 -1.18 5.93 6.91
CA LEU A 159 -1.11 7.33 7.42
C LEU A 159 -1.78 8.26 6.40
N THR A 160 -1.58 7.99 5.12
CA THR A 160 -2.28 8.75 4.05
C THR A 160 -3.77 8.65 4.31
N ALA A 161 -4.25 7.45 4.61
CA ALA A 161 -5.69 7.22 4.93
C ALA A 161 -6.11 8.10 6.11
N ILE A 162 -5.28 8.26 7.13
CA ILE A 162 -5.64 9.07 8.33
C ILE A 162 -5.82 10.53 7.87
N ARG A 163 -4.89 11.02 7.06
CA ARG A 163 -4.92 12.41 6.59
C ARG A 163 -6.16 12.60 5.71
N LEU A 164 -6.46 11.65 4.82
CA LEU A 164 -7.72 11.68 4.03
C LEU A 164 -8.94 11.77 4.96
N ALA A 165 -9.04 10.91 5.97
CA ALA A 165 -10.19 10.83 6.89
C ALA A 165 -10.36 12.20 7.58
N ALA A 166 -9.23 12.86 7.86
CA ALA A 166 -9.18 14.14 8.60
C ALA A 166 -9.74 15.26 7.71
N MET A 167 -9.21 15.37 6.48
CA MET A 167 -9.44 16.53 5.59
C MET A 167 -10.77 16.32 4.84
N ALA A 168 -11.07 15.08 4.45
CA ALA A 168 -12.30 14.73 3.71
C ALA A 168 -13.11 13.67 4.46
N PRO A 169 -13.75 13.97 5.63
CA PRO A 169 -14.55 12.96 6.32
C PRO A 169 -15.73 12.41 5.53
N ASP A 170 -16.43 13.26 4.79
CA ASP A 170 -17.67 12.87 4.07
C ASP A 170 -17.41 11.59 3.27
N LEU A 171 -16.17 11.41 2.89
CA LEU A 171 -15.80 10.17 2.19
C LEU A 171 -15.47 8.96 3.09
N VAL A 172 -14.54 9.05 4.00
CA VAL A 172 -14.03 7.90 4.82
C VAL A 172 -15.01 7.59 5.96
N GLY A 173 -15.72 6.47 5.85
CA GLY A 173 -16.59 6.02 6.95
C GLY A 173 -15.81 5.23 7.97
N GLU A 174 -14.77 4.50 7.54
CA GLU A 174 -14.11 3.43 8.31
C GLU A 174 -12.67 3.26 7.80
N LEU A 175 -11.67 3.25 8.70
CA LEU A 175 -10.24 3.04 8.37
C LEU A 175 -9.81 1.64 8.84
N VAL A 176 -9.11 0.92 7.99
CA VAL A 176 -8.29 -0.24 8.39
C VAL A 176 -6.84 0.12 8.13
N LEU A 177 -6.02 0.12 9.21
CA LEU A 177 -4.57 0.37 9.17
C LEU A 177 -3.85 -0.98 9.15
N VAL A 178 -2.92 -1.16 8.22
CA VAL A 178 -2.15 -2.43 8.15
C VAL A 178 -0.74 -2.16 8.62
N ASP A 179 -0.45 -2.68 9.82
CA ASP A 179 0.87 -2.70 10.50
C ASP A 179 1.48 -1.29 10.51
N VAL A 180 0.72 -0.28 10.87
CA VAL A 180 1.28 1.09 10.99
C VAL A 180 0.49 1.92 12.03
N THR A 181 1.18 2.75 12.78
CA THR A 181 0.64 3.94 13.50
C THR A 181 1.53 5.15 13.15
N PRO A 182 1.10 6.39 13.42
CA PRO A 182 1.99 7.54 13.21
C PRO A 182 3.36 7.36 13.88
N SER A 183 3.39 6.94 15.15
CA SER A 183 4.65 6.74 15.94
C SER A 183 5.51 5.66 15.30
N ALA A 184 4.90 4.56 14.84
CA ALA A 184 5.63 3.41 14.26
C ALA A 184 6.36 3.88 13.00
N LEU A 185 5.70 4.62 12.12
CA LEU A 185 6.37 5.10 10.88
C LEU A 185 7.42 6.16 11.21
N GLN A 186 7.11 7.09 12.12
CA GLN A 186 8.14 8.06 12.60
C GLN A 186 9.42 7.32 13.03
N ARG A 187 9.30 6.28 13.86
CA ARG A 187 10.48 5.48 14.33
C ARG A 187 11.21 4.95 13.08
N HIS A 188 10.51 4.37 12.10
CA HIS A 188 11.12 3.80 10.85
C HIS A 188 11.84 4.89 10.03
N ALA A 189 11.21 6.05 9.85
CA ALA A 189 11.78 7.23 9.16
C ALA A 189 13.09 7.64 9.86
N GLU A 190 13.09 7.74 11.19
CA GLU A 190 14.30 8.17 11.96
C GLU A 190 15.45 7.15 11.77
N LEU A 191 15.21 5.85 11.78
CA LEU A 191 16.26 4.82 11.57
C LEU A 191 16.92 4.99 10.19
N THR A 192 16.12 5.21 9.15
CA THR A 192 16.58 5.19 7.72
C THR A 192 17.08 6.57 7.26
N ALA A 193 16.98 7.61 8.11
CA ALA A 193 17.35 9.00 7.77
C ALA A 193 18.76 9.09 7.17
N GLU A 194 19.77 8.44 7.77
CA GLU A 194 21.20 8.49 7.30
C GLU A 194 21.32 7.80 5.93
N GLN A 195 20.64 6.68 5.71
CA GLN A 195 20.69 5.87 4.45
C GLN A 195 19.85 6.53 3.34
N ARG A 196 18.93 7.45 3.69
CA ARG A 196 18.13 8.26 2.72
C ARG A 196 18.83 9.60 2.46
N GLY A 197 19.78 10.01 3.32
CA GLY A 197 20.67 11.16 3.07
C GLY A 197 21.78 10.81 2.09
N THR A 198 22.33 9.59 2.21
CA THR A 198 23.50 9.09 1.43
C THR A 198 23.08 8.74 0.00
N VAL A 199 22.07 7.87 -0.13
CA VAL A 199 21.48 7.44 -1.42
C VAL A 199 21.24 8.68 -2.30
N ALA A 200 20.64 9.73 -1.72
CA ALA A 200 20.25 10.99 -2.41
C ALA A 200 21.44 11.59 -3.17
N LEU A 201 22.66 11.38 -2.68
CA LEU A 201 23.90 11.99 -3.24
C LEU A 201 24.43 11.18 -4.42
N MET A 202 23.91 9.97 -4.67
CA MET A 202 24.31 9.12 -5.84
C MET A 202 23.62 9.64 -7.11
N HIS A 203 24.09 9.20 -8.29
CA HIS A 203 23.70 9.71 -9.63
C HIS A 203 22.87 8.64 -10.37
N GLY A 204 21.79 9.05 -11.04
CA GLY A 204 20.79 8.14 -11.62
C GLY A 204 20.00 7.42 -10.53
N GLU A 205 19.15 6.47 -10.92
CA GLU A 205 18.20 5.77 -10.00
C GLU A 205 18.85 4.50 -9.44
N ARG A 206 19.55 3.72 -10.29
CA ARG A 206 20.21 2.40 -9.99
C ARG A 206 20.00 1.98 -11.45
N GLU A 207 20.50 0.79 -11.82
CA GLU A 207 20.31 0.22 -13.18
C GLU A 207 20.56 -1.27 -12.97
N PHE A 208 19.75 -2.13 -13.59
CA PHE A 208 19.90 -3.56 -13.23
C PHE A 208 20.13 -4.36 -14.50
N PRO A 209 21.12 -5.28 -14.51
CA PRO A 209 21.43 -6.02 -15.72
C PRO A 209 20.26 -6.92 -16.16
N SER A 210 19.50 -7.47 -15.22
CA SER A 210 18.42 -8.45 -15.54
C SER A 210 17.23 -8.27 -14.59
N PHE A 211 16.14 -8.96 -14.92
CA PHE A 211 14.98 -9.19 -14.03
C PHE A 211 15.50 -9.91 -12.79
N GLN A 212 16.29 -10.97 -13.01
CA GLN A 212 16.76 -11.92 -11.97
C GLN A 212 17.49 -11.14 -10.87
N ALA A 213 18.30 -10.14 -11.24
CA ALA A 213 19.08 -9.30 -10.30
C ALA A 213 18.16 -8.56 -9.32
N MET A 214 16.97 -8.13 -9.77
CA MET A 214 16.00 -7.45 -8.87
C MET A 214 15.29 -8.51 -8.02
N LEU A 215 14.94 -9.64 -8.63
CA LEU A 215 14.37 -10.81 -7.91
C LEU A 215 15.37 -11.28 -6.84
N ASP A 216 16.67 -11.30 -7.13
CA ASP A 216 17.73 -11.79 -6.18
C ASP A 216 17.71 -10.92 -4.92
N LEU A 217 17.58 -9.60 -5.11
CA LEU A 217 17.48 -8.59 -4.05
C LEU A 217 16.21 -8.81 -3.21
N THR A 218 15.08 -9.13 -3.83
CA THR A 218 13.77 -9.38 -3.15
C THR A 218 13.82 -10.73 -2.40
N ILE A 219 14.41 -11.77 -3.00
CA ILE A 219 14.66 -13.05 -2.30
C ILE A 219 15.53 -12.75 -1.06
N ALA A 220 16.62 -11.98 -1.20
CA ALA A 220 17.53 -11.67 -0.06
C ALA A 220 16.71 -11.08 1.10
N ALA A 221 15.72 -10.25 0.84
CA ALA A 221 14.97 -9.54 1.90
C ALA A 221 13.88 -10.44 2.48
N ALA A 222 13.44 -11.48 1.78
CA ALA A 222 12.35 -12.38 2.25
C ALA A 222 12.55 -13.80 1.70
N PRO A 223 13.68 -14.45 2.07
CA PRO A 223 14.06 -15.70 1.40
C PRO A 223 13.09 -16.88 1.65
N HIS A 224 12.37 -16.84 2.77
CA HIS A 224 11.38 -17.86 3.21
C HIS A 224 10.07 -17.79 2.40
N ARG A 225 9.86 -16.73 1.60
CA ARG A 225 8.57 -16.54 0.87
C ARG A 225 8.66 -17.20 -0.51
N ASP A 226 7.53 -17.75 -0.93
CA ASP A 226 7.38 -18.45 -2.22
C ASP A 226 7.89 -17.55 -3.34
N VAL A 227 8.86 -18.03 -4.12
CA VAL A 227 9.51 -17.21 -5.18
C VAL A 227 8.50 -16.82 -6.27
N LYS A 228 7.47 -17.62 -6.52
CA LYS A 228 6.49 -17.25 -7.58
C LYS A 228 5.75 -15.99 -7.12
N SER A 229 5.29 -15.92 -5.85
CA SER A 229 4.76 -14.68 -5.22
C SER A 229 5.76 -13.53 -5.35
N LEU A 230 7.02 -13.73 -4.94
CA LEU A 230 8.04 -12.65 -5.00
C LEU A 230 8.22 -12.19 -6.44
N ARG A 231 8.32 -13.13 -7.38
CA ARG A 231 8.53 -12.86 -8.83
C ARG A 231 7.37 -11.98 -9.34
N ARG A 232 6.13 -12.31 -8.97
CA ARG A 232 4.92 -11.56 -9.37
C ARG A 232 5.07 -10.12 -8.85
N GLY A 233 5.43 -9.95 -7.56
CA GLY A 233 5.61 -8.63 -6.94
C GLY A 233 6.64 -7.82 -7.70
N VAL A 234 7.81 -8.40 -8.00
CA VAL A 234 8.90 -7.70 -8.72
C VAL A 234 8.38 -7.29 -10.12
N PHE A 235 7.75 -8.21 -10.82
CA PHE A 235 7.17 -7.94 -12.15
C PHE A 235 6.38 -6.61 -12.16
N HIS A 236 5.41 -6.46 -11.25
CA HIS A 236 4.57 -5.23 -11.09
C HIS A 236 5.39 -4.01 -10.66
N ASN A 237 6.51 -4.20 -9.95
CA ASN A 237 7.19 -3.09 -9.23
C ASN A 237 8.37 -2.60 -10.06
N SER A 238 8.58 -3.21 -11.22
CA SER A 238 9.77 -3.00 -12.07
C SER A 238 9.36 -2.78 -13.54
N ARG A 239 10.24 -2.19 -14.35
CA ARG A 239 10.06 -2.15 -15.84
C ARG A 239 11.41 -2.28 -16.56
N ARG A 240 11.40 -2.94 -17.72
CA ARG A 240 12.58 -3.07 -18.61
C ARG A 240 12.72 -1.81 -19.46
N LEU A 241 13.92 -1.22 -19.47
CA LEU A 241 14.31 -0.11 -20.38
C LEU A 241 14.67 -0.70 -21.76
N ASP A 242 14.76 0.15 -22.77
CA ASP A 242 15.17 -0.24 -24.16
C ASP A 242 16.65 -0.69 -24.17
N ASN A 243 17.47 -0.17 -23.24
CA ASN A 243 18.83 -0.67 -22.90
C ASN A 243 18.82 -2.21 -22.80
N GLY A 244 17.70 -2.81 -22.37
CA GLY A 244 17.60 -4.22 -21.95
C GLY A 244 17.79 -4.37 -20.43
N ASN A 245 18.25 -3.30 -19.77
CA ASN A 245 18.35 -3.17 -18.30
C ASN A 245 16.95 -2.99 -17.68
N TRP A 246 16.85 -3.05 -16.34
CA TRP A 246 15.58 -2.91 -15.58
C TRP A 246 15.70 -1.86 -14.46
N VAL A 247 14.58 -1.22 -14.12
CA VAL A 247 14.52 -0.28 -12.95
C VAL A 247 13.24 -0.54 -12.15
N TRP A 248 13.25 -0.10 -10.89
CA TRP A 248 12.07 -0.05 -10.00
C TRP A 248 11.11 1.02 -10.52
N ARG A 249 9.81 0.83 -10.29
CA ARG A 249 8.75 1.78 -10.69
C ARG A 249 8.68 2.94 -9.68
N TYR A 250 9.14 2.70 -8.45
CA TYR A 250 8.98 3.68 -7.34
C TYR A 250 10.23 4.58 -7.29
N ASP A 251 10.01 5.83 -6.96
CA ASP A 251 11.08 6.80 -6.64
C ASP A 251 11.66 6.39 -5.29
N ALA A 252 13.00 6.44 -5.17
CA ALA A 252 13.64 6.21 -3.87
C ALA A 252 13.16 7.32 -2.92
N ILE A 253 12.46 6.97 -1.84
CA ILE A 253 11.87 7.99 -0.93
C ILE A 253 12.94 8.79 -0.19
N ARG A 254 13.17 10.03 -0.58
CA ARG A 254 14.04 10.98 0.16
C ARG A 254 13.44 11.19 1.56
N THR A 255 12.11 11.45 1.71
CA THR A 255 11.49 11.92 3.02
C THR A 255 9.97 11.61 3.22
N PHE A 256 9.46 11.84 4.47
CA PHE A 256 8.12 11.57 5.08
C PHE A 256 7.56 12.84 5.72
N GLY A 257 6.45 12.87 6.54
CA GLY A 257 5.70 14.11 7.02
C GLY A 257 5.63 14.47 8.55
N ASP A 258 4.69 15.37 8.95
CA ASP A 258 4.56 15.92 10.34
C ASP A 258 3.63 15.09 11.26
N PHE A 259 4.21 14.22 12.03
CA PHE A 259 3.50 13.15 12.77
C PHE A 259 2.69 13.75 13.95
N ALA A 260 3.17 14.78 14.65
CA ALA A 260 2.37 15.54 15.65
C ALA A 260 1.05 16.02 15.01
N GLY A 261 1.13 16.64 13.80
CA GLY A 261 -0.07 17.04 13.03
C GLY A 261 -0.92 15.82 12.71
N LEU A 262 -0.29 14.69 12.50
CA LEU A 262 -0.96 13.41 12.13
C LEU A 262 -1.72 12.85 13.35
N TRP A 263 -1.12 12.90 14.55
CA TRP A 263 -1.83 12.61 15.83
C TRP A 263 -2.98 13.58 16.07
N ASP A 264 -2.83 14.87 15.75
CA ASP A 264 -3.96 15.84 15.85
C ASP A 264 -5.09 15.39 14.94
N ASP A 265 -4.76 14.88 13.76
CA ASP A 265 -5.78 14.29 12.83
C ASP A 265 -6.45 13.07 13.44
N VAL A 266 -5.72 12.17 14.13
CA VAL A 266 -6.33 10.99 14.83
C VAL A 266 -7.30 11.47 15.94
N ASP A 267 -6.94 12.52 16.69
CA ASP A 267 -7.84 13.08 17.76
C ASP A 267 -9.15 13.61 17.16
N ALA A 268 -9.13 14.21 15.96
CA ALA A 268 -10.28 14.93 15.37
C ALA A 268 -11.19 14.00 14.54
N LEU A 269 -10.56 12.98 13.93
CA LEU A 269 -11.23 11.93 13.10
C LEU A 269 -12.44 11.33 13.77
N SER A 270 -13.50 11.10 13.02
CA SER A 270 -14.67 10.37 13.57
C SER A 270 -14.72 8.93 13.02
N ALA A 271 -14.05 8.66 11.90
CA ALA A 271 -14.07 7.31 11.31
C ALA A 271 -13.52 6.31 12.31
N PRO A 272 -14.19 5.19 12.60
CA PRO A 272 -13.57 4.11 13.37
C PRO A 272 -12.30 3.55 12.71
N ILE A 273 -11.35 3.17 13.54
CA ILE A 273 -10.02 2.63 13.17
C ILE A 273 -9.91 1.19 13.68
N THR A 274 -9.62 0.26 12.77
CA THR A 274 -9.18 -1.11 13.06
C THR A 274 -7.71 -1.17 12.71
N LEU A 275 -6.92 -1.84 13.52
CA LEU A 275 -5.48 -2.02 13.22
C LEU A 275 -5.28 -3.50 12.92
N VAL A 276 -4.46 -3.82 11.93
CA VAL A 276 -4.05 -5.21 11.62
C VAL A 276 -2.53 -5.24 11.76
N ARG A 277 -2.02 -6.05 12.70
CA ARG A 277 -0.55 -6.23 12.84
C ARG A 277 -0.15 -7.57 12.28
N GLY A 278 1.06 -7.66 11.78
CA GLY A 278 1.77 -8.93 11.54
C GLY A 278 2.37 -9.42 12.84
N GLY A 279 2.04 -10.63 13.25
CA GLY A 279 2.54 -11.30 14.45
C GLY A 279 4.05 -11.44 14.47
N SER A 280 4.71 -11.54 13.32
CA SER A 280 6.19 -11.54 13.20
C SER A 280 6.72 -10.15 12.84
N SER A 281 5.91 -9.11 12.97
CA SER A 281 6.37 -7.75 12.66
C SER A 281 6.59 -7.02 13.99
N GLY A 282 7.80 -6.49 14.17
CA GLY A 282 8.17 -5.60 15.29
C GLY A 282 7.85 -4.15 14.99
N PHE A 283 7.23 -3.88 13.86
CA PHE A 283 7.10 -2.50 13.34
C PHE A 283 6.25 -1.69 14.30
N VAL A 284 5.14 -2.28 14.75
CA VAL A 284 4.20 -1.70 15.71
C VAL A 284 4.35 -2.45 17.05
N THR A 285 4.62 -1.72 18.13
CA THR A 285 4.77 -2.24 19.51
C THR A 285 3.41 -2.21 20.22
N ASP A 286 3.32 -2.91 21.36
CA ASP A 286 2.14 -2.86 22.27
C ASP A 286 1.89 -1.40 22.69
N GLN A 287 2.93 -0.66 23.04
CA GLN A 287 2.81 0.79 23.41
C GLN A 287 2.22 1.55 22.21
N ASP A 288 2.68 1.29 20.98
CA ASP A 288 2.10 1.97 19.76
C ASP A 288 0.58 1.76 19.72
N THR A 289 0.14 0.54 19.92
CA THR A 289 -1.29 0.13 19.81
C THR A 289 -2.10 0.81 20.89
N ALA A 290 -1.60 0.83 22.12
CA ALA A 290 -2.30 1.49 23.26
C ALA A 290 -2.42 3.00 23.00
N GLU A 291 -1.37 3.61 22.46
CA GLU A 291 -1.36 5.06 22.12
C GLU A 291 -2.45 5.31 21.09
N LEU A 292 -2.58 4.45 20.08
CA LEU A 292 -3.61 4.63 19.04
C LEU A 292 -4.98 4.48 19.69
N HIS A 293 -5.14 3.51 20.58
CA HIS A 293 -6.44 3.30 21.26
C HIS A 293 -6.78 4.58 22.02
N ARG A 294 -5.80 5.19 22.69
CA ARG A 294 -6.02 6.34 23.60
C ARG A 294 -6.44 7.58 22.79
N ARG A 295 -5.80 7.79 21.64
CA ARG A 295 -5.99 9.01 20.82
C ARG A 295 -7.19 8.87 19.87
N ALA A 296 -7.49 7.66 19.39
CA ALA A 296 -8.62 7.45 18.45
C ALA A 296 -9.94 7.70 19.18
N THR A 297 -10.92 8.29 18.49
CA THR A 297 -12.33 8.42 18.93
C THR A 297 -12.98 7.03 19.02
N HIS A 298 -12.80 6.16 18.02
CA HIS A 298 -13.36 4.79 18.03
C HIS A 298 -12.33 3.81 17.48
N PHE A 299 -11.48 3.28 18.35
CA PHE A 299 -10.59 2.14 18.07
C PHE A 299 -11.40 0.82 18.17
N ARG A 300 -11.43 0.04 17.11
CA ARG A 300 -12.19 -1.24 17.07
C ARG A 300 -11.31 -2.40 17.51
N GLY A 301 -10.01 -2.16 17.69
CA GLY A 301 -9.07 -3.19 18.16
C GLY A 301 -8.05 -3.56 17.10
N VAL A 302 -7.05 -4.31 17.53
CA VAL A 302 -5.95 -4.87 16.72
C VAL A 302 -6.25 -6.36 16.48
N HIS A 303 -6.15 -6.78 15.22
CA HIS A 303 -6.08 -8.20 14.80
C HIS A 303 -4.61 -8.48 14.59
N ILE A 304 -4.12 -9.50 15.26
CA ILE A 304 -2.70 -9.90 15.17
C ILE A 304 -2.69 -11.14 14.30
N VAL A 305 -2.06 -11.07 13.14
CA VAL A 305 -2.09 -12.16 12.12
C VAL A 305 -0.81 -12.96 12.29
N GLU A 306 -0.96 -14.22 12.70
CA GLU A 306 0.16 -15.16 12.96
C GLU A 306 0.94 -15.37 11.66
N LYS A 307 2.27 -15.39 11.72
CA LYS A 307 3.21 -15.74 10.62
C LYS A 307 3.10 -14.69 9.50
N SER A 308 2.80 -13.43 9.81
CA SER A 308 2.88 -12.30 8.85
C SER A 308 3.93 -11.32 9.33
N GLY A 309 4.78 -10.88 8.40
CA GLY A 309 5.64 -9.69 8.54
C GLY A 309 4.80 -8.44 8.35
N HIS A 310 5.47 -7.35 8.02
CA HIS A 310 4.94 -5.98 7.90
C HIS A 310 3.89 -5.98 6.79
N SER A 311 4.18 -6.62 5.65
CA SER A 311 3.29 -6.60 4.46
C SER A 311 2.29 -7.75 4.57
N VAL A 312 1.28 -7.57 5.44
CA VAL A 312 0.25 -8.59 5.75
C VAL A 312 -0.45 -9.01 4.43
N GLN A 313 -0.73 -8.06 3.52
CA GLN A 313 -1.40 -8.36 2.22
C GLN A 313 -0.52 -9.27 1.35
N SER A 314 0.81 -9.29 1.56
CA SER A 314 1.76 -10.17 0.84
C SER A 314 1.93 -11.50 1.57
N ASP A 315 2.00 -11.51 2.91
CA ASP A 315 2.42 -12.71 3.65
C ASP A 315 1.20 -13.56 4.01
N GLN A 316 0.07 -12.97 4.41
CA GLN A 316 -1.13 -13.70 4.84
C GLN A 316 -2.37 -13.05 4.24
N PRO A 317 -2.52 -12.97 2.90
CA PRO A 317 -3.68 -12.32 2.30
C PRO A 317 -5.01 -12.96 2.71
N ARG A 318 -5.07 -14.28 2.81
CA ARG A 318 -6.33 -15.01 3.18
C ARG A 318 -6.78 -14.49 4.54
N ALA A 319 -5.87 -14.35 5.50
CA ALA A 319 -6.25 -13.86 6.85
C ALA A 319 -6.67 -12.38 6.73
N LEU A 320 -6.01 -11.58 5.89
CA LEU A 320 -6.42 -10.16 5.71
C LEU A 320 -7.80 -10.05 5.04
N ILE A 321 -8.11 -10.90 4.07
CA ILE A 321 -9.45 -10.91 3.42
C ILE A 321 -10.55 -11.10 4.49
N GLU A 322 -10.41 -12.09 5.39
CA GLU A 322 -11.38 -12.43 6.47
C GLU A 322 -11.63 -11.18 7.31
N ILE A 323 -10.56 -10.52 7.75
CA ILE A 323 -10.66 -9.32 8.63
C ILE A 323 -11.38 -8.22 7.84
N VAL A 324 -10.97 -7.96 6.62
CA VAL A 324 -11.57 -6.85 5.83
C VAL A 324 -13.03 -7.21 5.57
N ARG A 325 -13.30 -8.45 5.20
CA ARG A 325 -14.70 -8.91 5.03
C ARG A 325 -15.50 -8.65 6.31
N GLY A 326 -14.90 -8.89 7.48
CA GLY A 326 -15.51 -8.65 8.80
C GLY A 326 -15.92 -7.19 8.95
N VAL A 327 -15.08 -6.27 8.49
CA VAL A 327 -15.29 -4.80 8.63
C VAL A 327 -16.41 -4.35 7.69
N LEU A 328 -16.54 -4.95 6.50
CA LEU A 328 -17.70 -4.68 5.61
C LEU A 328 -18.98 -5.27 6.24
N ASP A 329 -18.87 -5.91 7.40
CA ASP A 329 -19.93 -6.62 8.15
C ASP A 329 -20.37 -7.84 7.33
CL CL B . 6.10 2.91 4.26
#